data_4HZZ
#
_entry.id   4HZZ
#
_cell.length_a   108.113
_cell.length_b   108.113
_cell.length_c   62.226
_cell.angle_alpha   90.00
_cell.angle_beta   90.00
_cell.angle_gamma   90.00
#
_symmetry.space_group_name_H-M   'I 4'
#
loop_
_entity.id
_entity.type
_entity.pdbx_description
1 polymer Neuraminidase
2 branched 2-acetamido-2-deoxy-beta-D-glucopyranose-(1-4)-[alpha-L-fucopyranose-(1-6)]2-acetamido-2-deoxy-beta-D-glucopyranose
3 non-polymer 'CALCIUM ION'
4 non-polymer '(3R,4R,5S)-4-(acetylamino)-5-amino-3-(pentan-3-yloxy)cyclohex-1-ene-1-carboxylic acid'
5 water water
#
_entity_poly.entity_id   1
_entity_poly.type   'polypeptide(L)'
_entity_poly.pdbx_seq_one_letter_code
;RPFKSPLPLCPFRGFFPFHKDNAIRLGENKDVIVTREPYVSCDNDNCWSFALAQGALLGTKHSNGTIKDRTPYRSLIRFP
IGTAPVLGNYKEICIAWSSSSCFDGKEWMHVCMTGNDNDASAQIIYGGRMTDSIKSWRKDILRTQESECQCIDGTCVVAV
TDGPAANSADYRVYWIREGKIIKYENVPKTKIQYLEECSCYVDIDVYCICRDNWKGSNRPWMRINNETILETGYVCSKFH
SDTPRPADPSTMSCDSPSNVNGGPGVKGFGFKAGDDVWLGRTVSTSGRSGFEIIKVTEGWINSPNHVKSITQTLVSNNDW
SGYSGSFIVKAKDCFQPCFYVELIRGRPNKNDDVSWTSNSIVTFCGLDNEPGSGNWPDGSNIGFMPK
;
_entity_poly.pdbx_strand_id   A
#
# COMPACT_ATOMS: atom_id res chain seq x y z
N ARG A 1 -16.75 -19.98 10.96
CA ARG A 1 -16.65 -18.72 10.24
C ARG A 1 -16.70 -18.95 8.72
N PRO A 2 -17.58 -18.23 8.01
CA PRO A 2 -17.65 -18.34 6.55
C PRO A 2 -16.51 -17.59 5.89
N PHE A 3 -16.12 -18.00 4.68
CA PHE A 3 -15.19 -17.21 3.88
C PHE A 3 -15.79 -15.84 3.58
N LYS A 4 -14.94 -14.83 3.51
CA LYS A 4 -15.36 -13.49 3.08
C LYS A 4 -15.97 -13.52 1.68
N SER A 5 -17.03 -12.73 1.49
CA SER A 5 -17.82 -12.67 0.26
C SER A 5 -17.47 -11.47 -0.62
N PRO A 6 -17.94 -11.48 -1.89
CA PRO A 6 -17.75 -10.35 -2.81
C PRO A 6 -18.70 -9.19 -2.55
N LEU A 7 -18.60 -8.57 -1.38
CA LEU A 7 -19.49 -7.46 -1.04
C LEU A 7 -19.11 -6.19 -1.76
N PRO A 8 -20.08 -5.30 -2.01
CA PRO A 8 -19.83 -3.96 -2.57
C PRO A 8 -19.23 -3.05 -1.51
N LEU A 9 -18.62 -1.96 -1.94
CA LEU A 9 -18.20 -0.92 -1.02
C LEU A 9 -19.43 -0.23 -0.44
N CYS A 10 -19.34 0.14 0.84
CA CYS A 10 -20.38 0.93 1.49
C CYS A 10 -20.38 2.33 0.90
N PRO A 11 -21.52 3.04 1.03
CA PRO A 11 -21.56 4.45 0.63
C PRO A 11 -20.60 5.28 1.46
N PHE A 12 -19.94 6.25 0.84
CA PHE A 12 -19.06 7.15 1.57
C PHE A 12 -18.93 8.48 0.84
N ARG A 13 -18.74 9.55 1.61
CA ARG A 13 -18.53 10.86 1.01
C ARG A 13 -17.37 11.64 1.64
N GLY A 14 -16.61 11.01 2.53
CA GLY A 14 -15.46 11.68 3.11
C GLY A 14 -14.72 10.71 4.01
N PHE A 15 -13.51 11.07 4.39
CA PHE A 15 -12.65 10.20 5.18
C PHE A 15 -12.34 10.82 6.52
N PHE A 16 -12.27 9.97 7.54
CA PHE A 16 -12.21 10.41 8.92
C PHE A 16 -11.05 9.75 9.65
N PRO A 17 -10.40 10.49 10.57
CA PRO A 17 -9.21 9.97 11.25
C PRO A 17 -9.55 8.84 12.21
N PHE A 18 -8.79 7.75 12.11
CA PHE A 18 -9.10 6.48 12.78
C PHE A 18 -8.05 6.21 13.87
N HIS A 19 -6.93 5.60 13.48
CA HIS A 19 -5.84 5.24 14.41
C HIS A 19 -4.55 5.96 13.99
N LYS A 20 -3.71 6.34 14.96
CA LYS A 20 -2.42 6.96 14.68
C LYS A 20 -1.41 6.49 15.71
N ASP A 21 -0.25 6.00 15.26
CA ASP A 21 0.64 5.39 16.26
C ASP A 21 1.72 6.28 16.88
N ASN A 22 2.06 7.39 16.23
CA ASN A 22 3.04 8.30 16.81
C ASN A 22 4.34 7.54 17.13
N ALA A 23 4.66 6.56 16.29
CA ALA A 23 5.74 5.61 16.60
C ALA A 23 7.12 6.25 16.71
N ILE A 24 7.40 7.28 15.92
CA ILE A 24 8.71 7.91 16.00
C ILE A 24 8.83 8.73 17.29
N ARG A 25 7.81 9.53 17.59
CA ARG A 25 7.82 10.30 18.83
C ARG A 25 8.03 9.35 20.01
N LEU A 26 7.32 8.23 19.99
CA LEU A 26 7.39 7.27 21.11
C LEU A 26 8.67 6.46 21.13
N GLY A 27 9.46 6.57 20.05
CA GLY A 27 10.70 5.82 19.95
C GLY A 27 11.92 6.61 20.37
N GLU A 28 11.71 7.79 20.94
CA GLU A 28 12.82 8.66 21.33
C GLU A 28 13.80 7.98 22.32
N ASN A 29 13.30 7.05 23.13
CA ASN A 29 14.13 6.38 24.13
C ASN A 29 14.53 4.96 23.69
N LYS A 30 14.50 4.72 22.39
CA LYS A 30 15.01 3.49 21.76
C LYS A 30 14.18 2.24 22.02
N ASP A 31 12.89 2.40 22.27
CA ASP A 31 12.01 1.26 22.49
C ASP A 31 11.39 0.68 21.23
N VAL A 32 11.40 1.44 20.14
CA VAL A 32 10.57 1.09 18.99
C VAL A 32 11.37 0.41 17.88
N ILE A 33 10.77 -0.61 17.27
CA ILE A 33 11.41 -1.34 16.18
C ILE A 33 11.41 -0.50 14.91
N VAL A 34 12.54 -0.47 14.22
CA VAL A 34 12.66 0.22 12.94
C VAL A 34 11.84 -0.51 11.88
N THR A 35 11.02 0.25 11.14
CA THR A 35 10.17 -0.34 10.10
C THR A 35 10.15 0.53 8.85
N ARG A 36 9.60 -0.03 7.78
CA ARG A 36 9.08 0.74 6.66
C ARG A 36 8.05 -0.15 5.95
N GLU A 37 7.39 0.40 4.93
CA GLU A 37 6.38 -0.35 4.18
C GLU A 37 5.29 -0.93 5.08
N PRO A 38 4.66 -0.06 5.89
CA PRO A 38 3.61 -0.56 6.76
C PRO A 38 2.34 -0.75 5.97
N TYR A 39 1.41 -1.50 6.54
CA TYR A 39 0.06 -1.54 6.02
C TYR A 39 -0.89 -2.01 7.10
N VAL A 40 -2.18 -2.04 6.77
CA VAL A 40 -3.18 -2.46 7.73
C VAL A 40 -4.03 -3.56 7.11
N SER A 41 -4.42 -4.54 7.91
CA SER A 41 -5.36 -5.55 7.42
C SER A 41 -6.13 -6.06 8.62
N CYS A 42 -7.37 -6.49 8.40
CA CYS A 42 -8.27 -6.80 9.50
C CYS A 42 -8.80 -8.23 9.42
N ASP A 43 -9.04 -8.84 10.59
CA ASP A 43 -9.73 -10.14 10.61
C ASP A 43 -11.11 -9.96 11.24
N ASN A 44 -11.72 -11.03 11.72
CA ASN A 44 -13.06 -10.91 12.31
C ASN A 44 -13.09 -10.16 13.65
N ASP A 45 -11.94 -10.07 14.33
CA ASP A 45 -11.90 -9.56 15.70
C ASP A 45 -11.15 -8.24 15.82
N ASN A 46 -10.18 -8.00 14.94
CA ASN A 46 -9.31 -6.84 15.09
C ASN A 46 -8.75 -6.37 13.76
N CYS A 47 -8.44 -5.08 13.69
CA CYS A 47 -7.55 -4.59 12.65
C CYS A 47 -6.14 -4.57 13.19
N TRP A 48 -5.16 -4.80 12.33
CA TRP A 48 -3.77 -4.91 12.76
C TRP A 48 -2.87 -4.04 11.94
N SER A 49 -1.82 -3.52 12.56
CA SER A 49 -0.70 -2.95 11.81
C SER A 49 0.28 -4.04 11.42
N PHE A 50 0.76 -3.95 10.19
CA PHE A 50 1.82 -4.81 9.68
C PHE A 50 2.92 -3.91 9.15
N ALA A 51 4.14 -4.38 9.16
CA ALA A 51 5.22 -3.62 8.53
C ALA A 51 6.43 -4.50 8.34
N LEU A 52 7.33 -4.05 7.47
CA LEU A 52 8.62 -4.73 7.32
C LEU A 52 9.62 -4.14 8.31
N ALA A 53 9.91 -4.91 9.36
CA ALA A 53 10.88 -4.46 10.34
C ALA A 53 12.28 -4.60 9.75
N GLN A 54 13.25 -3.99 10.43
CA GLN A 54 14.64 -3.99 9.99
C GLN A 54 15.55 -4.71 10.97
N GLY A 55 14.95 -5.40 11.93
CA GLY A 55 15.76 -6.17 12.86
C GLY A 55 16.67 -5.29 13.73
N ALA A 56 16.20 -4.11 14.07
CA ALA A 56 16.94 -3.18 14.91
C ALA A 56 15.97 -2.27 15.60
N LEU A 57 16.37 -1.76 16.76
CA LEU A 57 15.59 -0.73 17.45
C LEU A 57 16.02 0.66 16.99
N LEU A 58 15.04 1.56 16.88
CA LEU A 58 15.28 2.91 16.39
C LEU A 58 16.24 3.66 17.30
N GLY A 59 17.30 4.23 16.73
CA GLY A 59 18.26 5.01 17.50
C GLY A 59 19.44 4.23 18.03
N THR A 60 19.43 2.91 17.83
CA THR A 60 20.58 2.09 18.20
C THR A 60 21.56 2.09 17.03
N LYS A 61 22.78 1.60 17.28
CA LYS A 61 23.78 1.59 16.23
C LYS A 61 23.37 0.71 15.07
N HIS A 62 22.64 -0.37 15.36
CA HIS A 62 22.17 -1.23 14.27
C HIS A 62 21.11 -0.58 13.39
N SER A 63 20.54 0.55 13.82
CA SER A 63 19.56 1.25 12.99
C SER A 63 20.21 2.13 11.92
N ASN A 64 21.50 2.39 12.06
CA ASN A 64 22.23 3.21 11.09
C ASN A 64 22.21 2.52 9.73
N GLY A 65 21.75 3.22 8.70
CA GLY A 65 21.78 2.68 7.35
C GLY A 65 20.56 1.91 6.90
N THR A 66 19.48 2.02 7.68
CA THR A 66 18.25 1.29 7.37
C THR A 66 17.47 1.82 6.16
N ILE A 67 18.03 2.79 5.45
CA ILE A 67 17.49 3.17 4.15
C ILE A 67 17.59 1.98 3.17
N LYS A 68 18.53 1.08 3.42
CA LYS A 68 18.71 -0.09 2.55
C LYS A 68 17.45 -0.96 2.52
N ASP A 69 16.99 -1.28 1.33
CA ASP A 69 15.70 -1.95 1.15
C ASP A 69 15.67 -3.42 1.53
N ARG A 70 16.69 -4.17 1.15
CA ARG A 70 16.60 -5.62 1.28
C ARG A 70 17.80 -6.18 2.08
N THR A 71 17.51 -6.75 3.25
CA THR A 71 18.50 -7.44 4.05
C THR A 71 17.88 -8.70 4.60
N PRO A 72 18.70 -9.65 5.06
CA PRO A 72 18.16 -10.88 5.66
C PRO A 72 17.52 -10.63 7.02
N TYR A 73 17.69 -9.42 7.56
CA TYR A 73 17.28 -9.11 8.94
C TYR A 73 15.93 -8.44 8.97
N ARG A 74 15.28 -8.36 7.80
CA ARG A 74 13.92 -7.84 7.72
C ARG A 74 12.91 -8.96 7.86
N SER A 75 11.88 -8.70 8.67
CA SER A 75 10.75 -9.61 8.84
C SER A 75 9.46 -8.83 8.73
N LEU A 76 8.42 -9.48 8.22
CA LEU A 76 7.08 -8.93 8.36
C LEU A 76 6.69 -9.10 9.83
N ILE A 77 6.31 -8.00 10.46
CA ILE A 77 5.83 -8.06 11.85
C ILE A 77 4.41 -7.52 11.92
N ARG A 78 3.71 -7.91 12.98
CA ARG A 78 2.34 -7.47 13.23
C ARG A 78 2.26 -6.90 14.64
N PHE A 79 1.50 -5.82 14.80
CA PHE A 79 1.37 -5.22 16.12
C PHE A 79 0.01 -4.54 16.20
N PRO A 80 -0.48 -4.25 17.42
CA PRO A 80 -1.85 -3.74 17.50
C PRO A 80 -2.01 -2.43 16.75
N ILE A 81 -3.15 -2.26 16.06
CA ILE A 81 -3.33 -1.09 15.23
C ILE A 81 -3.24 0.18 16.06
N GLY A 82 -2.44 1.12 15.58
CA GLY A 82 -2.28 2.40 16.25
C GLY A 82 -1.31 2.37 17.42
N THR A 83 -0.72 1.21 17.73
CA THR A 83 0.36 1.19 18.71
C THR A 83 1.71 1.25 18.00
N ALA A 84 2.75 1.71 18.71
CA ALA A 84 4.10 1.64 18.19
C ALA A 84 4.59 0.19 18.30
N PRO A 85 5.37 -0.27 17.32
CA PRO A 85 5.87 -1.65 17.39
C PRO A 85 7.04 -1.75 18.35
N VAL A 86 6.87 -2.54 19.42
CA VAL A 86 7.92 -2.71 20.43
C VAL A 86 8.15 -4.19 20.69
N LEU A 87 9.26 -4.53 21.34
CA LEU A 87 9.58 -5.95 21.53
C LEU A 87 8.50 -6.64 22.37
N GLY A 88 7.87 -5.87 23.26
CA GLY A 88 6.82 -6.42 24.10
C GLY A 88 5.44 -6.57 23.48
N ASN A 89 5.21 -6.10 22.26
CA ASN A 89 3.88 -6.25 21.67
C ASN A 89 3.83 -6.84 20.26
N TYR A 90 4.99 -7.02 19.63
CA TYR A 90 4.99 -7.45 18.23
C TYR A 90 4.93 -8.96 18.08
N LYS A 91 4.48 -9.38 16.91
CA LYS A 91 4.63 -10.78 16.50
C LYS A 91 5.40 -10.79 15.20
N GLU A 92 6.26 -11.79 15.02
CA GLU A 92 6.99 -11.94 13.79
C GLU A 92 6.24 -12.92 12.90
N ILE A 93 5.83 -12.46 11.72
CA ILE A 93 5.02 -13.29 10.83
C ILE A 93 5.88 -14.19 9.94
N CYS A 94 6.92 -13.61 9.35
CA CYS A 94 7.82 -14.37 8.48
C CYS A 94 9.00 -13.49 8.12
N ILE A 95 10.06 -14.13 7.66
CA ILE A 95 11.21 -13.40 7.11
C ILE A 95 10.78 -12.78 5.79
N ALA A 96 10.98 -11.48 5.63
CA ALA A 96 10.49 -10.80 4.43
C ALA A 96 11.10 -9.41 4.25
N TRP A 97 11.51 -9.12 3.01
CA TRP A 97 11.75 -7.74 2.62
C TRP A 97 10.75 -7.20 1.60
N SER A 98 9.70 -7.99 1.34
CA SER A 98 8.52 -7.55 0.60
C SER A 98 7.39 -8.46 1.06
N SER A 99 6.19 -7.92 1.23
CA SER A 99 5.10 -8.74 1.77
C SER A 99 3.70 -8.29 1.40
N SER A 100 2.74 -9.18 1.63
CA SER A 100 1.32 -8.87 1.56
C SER A 100 0.63 -9.83 2.53
N SER A 101 -0.48 -9.40 3.11
CA SER A 101 -1.24 -10.26 4.02
C SER A 101 -2.70 -10.05 3.77
N CYS A 102 -3.50 -11.10 4.01
CA CYS A 102 -4.94 -10.95 3.97
C CYS A 102 -5.66 -12.07 4.69
N PHE A 103 -6.82 -11.75 5.22
CA PHE A 103 -7.61 -12.70 5.99
C PHE A 103 -8.76 -13.18 5.13
N ASP A 104 -8.96 -14.50 5.05
CA ASP A 104 -9.94 -15.01 4.09
C ASP A 104 -11.30 -15.24 4.71
N GLY A 105 -11.43 -14.92 5.99
CA GLY A 105 -12.66 -15.16 6.73
C GLY A 105 -12.46 -16.23 7.78
N LYS A 106 -11.51 -17.13 7.53
CA LYS A 106 -11.18 -18.21 8.45
C LYS A 106 -9.76 -18.07 8.99
N GLU A 107 -8.80 -17.81 8.11
CA GLU A 107 -7.39 -17.73 8.50
C GLU A 107 -6.66 -16.63 7.76
N TRP A 108 -5.51 -16.25 8.33
CA TRP A 108 -4.59 -15.31 7.68
C TRP A 108 -3.69 -15.99 6.66
N MET A 109 -3.55 -15.34 5.52
CA MET A 109 -2.53 -15.72 4.54
C MET A 109 -1.48 -14.61 4.49
N HIS A 110 -0.22 -14.99 4.36
CA HIS A 110 0.86 -14.02 4.14
C HIS A 110 1.73 -14.47 2.98
N VAL A 111 2.23 -13.49 2.24
CA VAL A 111 3.17 -13.72 1.16
C VAL A 111 4.46 -12.98 1.50
N CYS A 112 5.55 -13.73 1.64
CA CYS A 112 6.79 -13.17 2.20
C CYS A 112 7.97 -13.43 1.29
N MET A 113 8.57 -12.38 0.73
CA MET A 113 9.75 -12.57 -0.13
C MET A 113 11.03 -12.29 0.63
N THR A 114 12.01 -13.17 0.45
CA THR A 114 13.32 -12.92 1.03
C THR A 114 14.39 -13.71 0.28
N GLY A 115 15.65 -13.43 0.58
CA GLY A 115 16.76 -14.07 -0.10
C GLY A 115 17.52 -13.15 -1.02
N ASN A 116 18.44 -13.72 -1.81
CA ASN A 116 19.26 -12.95 -2.72
C ASN A 116 18.40 -12.27 -3.79
N ASP A 117 18.81 -11.08 -4.22
CA ASP A 117 18.12 -10.38 -5.29
C ASP A 117 17.91 -11.26 -6.52
N ASN A 118 18.89 -12.10 -6.85
CA ASN A 118 18.79 -12.88 -8.08
C ASN A 118 18.23 -14.29 -7.88
N ASP A 119 17.71 -14.58 -6.70
CA ASP A 119 17.17 -15.90 -6.43
C ASP A 119 16.26 -15.91 -5.21
N ALA A 120 15.40 -14.90 -5.10
CA ALA A 120 14.50 -14.79 -3.96
C ALA A 120 13.40 -15.83 -4.08
N SER A 121 12.75 -16.10 -2.96
CA SER A 121 11.56 -16.94 -2.99
C SER A 121 10.48 -16.30 -2.13
N ALA A 122 9.23 -16.56 -2.51
CA ALA A 122 8.10 -16.08 -1.75
C ALA A 122 7.54 -17.26 -0.98
N GLN A 123 7.45 -17.12 0.34
CA GLN A 123 6.86 -18.15 1.18
C GLN A 123 5.41 -17.78 1.41
N ILE A 124 4.52 -18.74 1.21
CA ILE A 124 3.10 -18.54 1.48
C ILE A 124 2.80 -19.16 2.84
N ILE A 125 2.30 -18.33 3.75
CA ILE A 125 1.94 -18.77 5.10
C ILE A 125 0.42 -18.72 5.24
N TYR A 126 -0.16 -19.80 5.76
CA TYR A 126 -1.60 -19.86 5.91
C TYR A 126 -1.92 -20.53 7.24
N GLY A 127 -2.66 -19.82 8.09
CA GLY A 127 -2.93 -20.32 9.43
C GLY A 127 -1.64 -20.59 10.20
N GLY A 128 -0.60 -19.83 9.89
CA GLY A 128 0.66 -19.95 10.61
C GLY A 128 1.61 -21.00 10.07
N ARG A 129 1.13 -21.82 9.12
CA ARG A 129 1.98 -22.84 8.53
C ARG A 129 2.46 -22.41 7.15
N MET A 130 3.72 -22.72 6.83
CA MET A 130 4.19 -22.45 5.48
C MET A 130 3.64 -23.53 4.55
N THR A 131 2.79 -23.12 3.61
CA THR A 131 2.01 -24.07 2.82
C THR A 131 2.41 -24.14 1.33
N ASP A 132 3.08 -23.11 0.83
CA ASP A 132 3.48 -23.10 -0.57
C ASP A 132 4.58 -22.07 -0.78
N SER A 133 5.06 -21.93 -2.00
CA SER A 133 6.10 -20.95 -2.30
C SER A 133 6.13 -20.61 -3.79
N ILE A 134 6.74 -19.48 -4.10
CA ILE A 134 6.96 -19.08 -5.49
C ILE A 134 8.46 -18.87 -5.69
N LYS A 135 9.03 -19.51 -6.72
CA LYS A 135 10.44 -19.33 -7.02
C LYS A 135 10.62 -18.20 -8.03
N SER A 136 11.64 -17.38 -7.83
CA SER A 136 11.95 -16.28 -8.75
C SER A 136 12.18 -16.85 -10.14
N TRP A 137 11.42 -16.35 -11.10
CA TRP A 137 11.53 -16.87 -12.48
C TRP A 137 12.26 -15.89 -13.40
N ARG A 138 12.42 -14.65 -12.95
CA ARG A 138 13.19 -13.66 -13.70
C ARG A 138 14.48 -13.29 -12.98
N LYS A 139 14.65 -13.82 -11.77
CA LYS A 139 15.88 -13.64 -11.02
C LYS A 139 16.23 -12.17 -10.80
N ASP A 140 15.22 -11.36 -10.46
CA ASP A 140 15.47 -9.95 -10.23
C ASP A 140 14.42 -9.36 -9.29
N ILE A 141 14.64 -9.58 -7.99
CA ILE A 141 13.82 -9.00 -6.92
C ILE A 141 12.34 -9.37 -7.03
N LEU A 142 12.07 -10.66 -6.90
CA LEU A 142 10.70 -11.12 -6.73
C LEU A 142 10.06 -10.33 -5.58
N ARG A 143 8.86 -9.82 -5.81
CA ARG A 143 8.31 -8.80 -4.89
C ARG A 143 6.79 -8.69 -4.99
N THR A 144 6.19 -8.10 -3.96
CA THR A 144 4.73 -8.03 -3.91
C THR A 144 4.21 -6.68 -3.41
N GLN A 145 2.97 -6.65 -2.93
CA GLN A 145 2.20 -5.41 -2.85
C GLN A 145 2.64 -4.38 -1.80
N GLU A 146 3.12 -4.86 -0.66
CA GLU A 146 3.34 -4.03 0.53
C GLU A 146 2.04 -3.45 1.09
N SER A 147 0.92 -4.13 0.82
CA SER A 147 -0.37 -3.83 1.46
C SER A 147 -1.25 -5.08 1.38
N GLU A 148 -2.47 -5.01 1.89
CA GLU A 148 -3.27 -6.22 2.03
C GLU A 148 -3.72 -6.78 0.68
N CYS A 149 -3.67 -8.10 0.57
CA CYS A 149 -4.29 -8.79 -0.55
C CYS A 149 -5.79 -8.88 -0.30
N GLN A 150 -6.52 -9.55 -1.18
CA GLN A 150 -7.96 -9.66 -1.02
C GLN A 150 -8.41 -11.09 -1.28
N CYS A 151 -9.39 -11.54 -0.50
CA CYS A 151 -9.89 -12.92 -0.61
C CYS A 151 -11.38 -12.92 -0.86
N ILE A 152 -11.82 -13.66 -1.87
CA ILE A 152 -13.25 -13.77 -2.16
C ILE A 152 -13.67 -15.23 -2.23
N ASP A 153 -14.66 -15.59 -1.41
CA ASP A 153 -15.16 -16.97 -1.36
C ASP A 153 -14.04 -17.99 -1.20
N GLY A 154 -13.02 -17.62 -0.44
CA GLY A 154 -11.94 -18.53 -0.11
C GLY A 154 -10.72 -18.49 -1.00
N THR A 155 -10.82 -17.76 -2.11
CA THR A 155 -9.68 -17.63 -3.00
C THR A 155 -9.05 -16.26 -2.84
N CYS A 156 -7.77 -16.22 -2.47
CA CYS A 156 -7.07 -14.96 -2.30
C CYS A 156 -6.32 -14.57 -3.55
N VAL A 157 -6.33 -13.28 -3.84
CA VAL A 157 -5.72 -12.74 -5.05
C VAL A 157 -4.59 -11.80 -4.63
N VAL A 158 -3.40 -11.97 -5.20
CA VAL A 158 -2.25 -11.16 -4.79
C VAL A 158 -1.38 -10.83 -6.00
N ALA A 159 -0.93 -9.59 -6.11
CA ALA A 159 -0.07 -9.18 -7.22
C ALA A 159 1.40 -9.47 -6.88
N VAL A 160 2.09 -10.15 -7.81
CA VAL A 160 3.46 -10.58 -7.63
C VAL A 160 4.27 -10.24 -8.87
N THR A 161 5.46 -9.69 -8.68
CA THR A 161 6.28 -9.19 -9.78
C THR A 161 7.70 -9.73 -9.71
N ASP A 162 8.31 -9.96 -10.86
CA ASP A 162 9.71 -10.35 -10.90
C ASP A 162 10.32 -9.77 -12.17
N GLY A 163 11.52 -9.22 -12.06
CA GLY A 163 12.20 -8.68 -13.23
C GLY A 163 12.61 -7.24 -13.02
N PRO A 164 13.50 -6.74 -13.88
CA PRO A 164 14.18 -5.46 -13.71
C PRO A 164 13.26 -4.26 -13.48
N ALA A 165 13.37 -3.65 -12.29
CA ALA A 165 12.82 -2.32 -12.10
C ALA A 165 13.60 -1.40 -13.03
N ALA A 166 13.01 -1.12 -14.20
CA ALA A 166 13.63 -0.31 -15.26
C ALA A 166 14.13 -1.12 -16.45
N ASN A 167 13.36 -2.11 -16.88
CA ASN A 167 13.77 -2.92 -18.04
C ASN A 167 12.82 -4.08 -18.38
N SER A 168 11.51 -3.86 -18.26
CA SER A 168 10.51 -4.85 -18.69
C SER A 168 10.36 -6.03 -17.73
N ALA A 169 9.58 -5.83 -16.67
CA ALA A 169 9.36 -6.86 -15.67
C ALA A 169 8.10 -7.69 -15.96
N ASP A 170 8.02 -8.87 -15.35
CA ASP A 170 6.83 -9.69 -15.44
C ASP A 170 5.91 -9.40 -14.27
N TYR A 171 4.76 -8.78 -14.54
CA TYR A 171 3.77 -8.54 -13.51
C TYR A 171 2.75 -9.67 -13.55
N ARG A 172 2.51 -10.31 -12.41
CA ARG A 172 1.55 -11.41 -12.34
C ARG A 172 0.51 -11.19 -11.26
N VAL A 173 -0.59 -11.91 -11.39
CA VAL A 173 -1.52 -12.09 -10.28
C VAL A 173 -1.53 -13.57 -9.94
N TYR A 174 -1.48 -13.87 -8.65
CA TYR A 174 -1.61 -15.25 -8.17
C TYR A 174 -2.93 -15.45 -7.44
N TRP A 175 -3.53 -16.61 -7.65
CA TRP A 175 -4.74 -17.01 -6.94
C TRP A 175 -4.36 -18.14 -5.99
N ILE A 176 -4.68 -17.96 -4.71
CA ILE A 176 -4.22 -18.89 -3.69
C ILE A 176 -5.40 -19.25 -2.79
N ARG A 177 -5.59 -20.54 -2.55
CA ARG A 177 -6.75 -20.99 -1.78
C ARG A 177 -6.30 -21.87 -0.63
N GLU A 178 -6.65 -21.48 0.59
CA GLU A 178 -6.17 -22.16 1.79
C GLU A 178 -4.66 -22.41 1.75
N GLY A 179 -3.92 -21.41 1.28
CA GLY A 179 -2.47 -21.47 1.29
C GLY A 179 -1.83 -22.21 0.12
N LYS A 180 -2.67 -22.76 -0.76
CA LYS A 180 -2.16 -23.47 -1.93
C LYS A 180 -2.37 -22.67 -3.22
N ILE A 181 -1.28 -22.46 -3.96
CA ILE A 181 -1.37 -21.74 -5.23
C ILE A 181 -2.22 -22.53 -6.23
N ILE A 182 -3.23 -21.87 -6.77
CA ILE A 182 -4.13 -22.49 -7.74
C ILE A 182 -3.66 -22.20 -9.17
N LYS A 183 -3.37 -20.94 -9.45
CA LYS A 183 -2.96 -20.52 -10.77
C LYS A 183 -2.36 -19.12 -10.70
N TYR A 184 -1.70 -18.70 -11.78
CA TYR A 184 -1.32 -17.31 -11.93
C TYR A 184 -1.68 -16.85 -13.34
N GLU A 185 -1.71 -15.54 -13.52
CA GLU A 185 -1.82 -14.94 -14.84
C GLU A 185 -0.77 -13.85 -15.00
N ASN A 186 -0.24 -13.72 -16.20
CA ASN A 186 0.59 -12.58 -16.56
C ASN A 186 -0.36 -11.44 -16.85
N VAL A 187 -0.16 -10.31 -16.17
CA VAL A 187 -0.97 -9.13 -16.42
C VAL A 187 -0.83 -8.68 -17.87
N PRO A 188 -1.96 -8.50 -18.57
CA PRO A 188 -1.92 -8.00 -19.94
C PRO A 188 -1.20 -6.66 -20.00
N LYS A 189 -0.41 -6.45 -21.05
CA LYS A 189 0.38 -5.24 -21.21
C LYS A 189 -0.12 -4.36 -22.37
N THR A 190 -1.36 -4.58 -22.76
CA THR A 190 -1.99 -3.80 -23.83
C THR A 190 -2.17 -2.35 -23.41
N LYS A 191 -2.40 -2.12 -22.12
CA LYS A 191 -2.57 -0.78 -21.58
C LYS A 191 -1.52 -0.48 -20.51
N ILE A 192 -1.55 -1.29 -19.46
CA ILE A 192 -0.53 -1.23 -18.42
C ILE A 192 0.87 -1.44 -18.97
N GLN A 193 1.81 -0.56 -18.62
CA GLN A 193 3.21 -0.76 -19.00
C GLN A 193 4.10 -1.09 -17.80
N TYR A 194 3.75 -0.53 -16.64
CA TYR A 194 4.50 -0.79 -15.40
C TYR A 194 3.52 -0.88 -14.25
N LEU A 195 3.73 -1.86 -13.36
CA LEU A 195 2.72 -2.18 -12.35
C LEU A 195 3.37 -2.66 -11.06
N GLU A 196 3.71 -1.73 -10.19
CA GLU A 196 4.37 -2.09 -8.93
C GLU A 196 3.45 -1.83 -7.76
N GLU A 197 3.63 -2.59 -6.68
CA GLU A 197 3.06 -2.21 -5.39
C GLU A 197 1.57 -1.91 -5.40
N CYS A 198 0.78 -2.85 -5.89
CA CYS A 198 -0.66 -2.66 -6.01
C CYS A 198 -1.35 -2.47 -4.66
N SER A 199 -2.26 -1.50 -4.60
CA SER A 199 -3.14 -1.30 -3.46
C SER A 199 -4.54 -1.75 -3.85
N CYS A 200 -5.06 -2.78 -3.17
CA CYS A 200 -6.28 -3.42 -3.63
C CYS A 200 -7.39 -3.35 -2.61
N TYR A 201 -8.63 -3.43 -3.07
CA TYR A 201 -9.79 -3.48 -2.19
C TYR A 201 -10.85 -4.31 -2.90
N VAL A 202 -11.94 -4.60 -2.22
CA VAL A 202 -13.06 -5.34 -2.82
C VAL A 202 -14.27 -4.43 -2.96
N ASP A 203 -14.85 -4.44 -4.17
CA ASP A 203 -16.13 -3.79 -4.46
C ASP A 203 -16.81 -4.72 -5.44
N ILE A 204 -17.40 -5.79 -4.90
CA ILE A 204 -17.83 -6.97 -5.65
C ILE A 204 -16.61 -7.73 -6.19
N ASP A 205 -15.92 -7.12 -7.15
CA ASP A 205 -14.65 -7.64 -7.64
C ASP A 205 -13.49 -7.01 -6.88
N VAL A 206 -12.29 -7.55 -7.08
CA VAL A 206 -11.09 -6.92 -6.56
C VAL A 206 -10.65 -5.81 -7.51
N TYR A 207 -10.40 -4.62 -6.96
CA TYR A 207 -9.80 -3.53 -7.74
C TYR A 207 -8.43 -3.22 -7.16
N CYS A 208 -7.45 -3.06 -8.03
CA CYS A 208 -6.09 -2.71 -7.61
C CYS A 208 -5.66 -1.44 -8.32
N ILE A 209 -5.14 -0.49 -7.54
CA ILE A 209 -4.60 0.74 -8.09
C ILE A 209 -3.13 0.75 -7.70
N CYS A 210 -2.26 0.88 -8.70
CA CYS A 210 -0.85 0.58 -8.49
C CYS A 210 0.10 1.72 -8.85
N ARG A 211 1.38 1.40 -8.99
CA ARG A 211 2.42 2.39 -9.22
C ARG A 211 3.16 2.09 -10.52
N ASP A 212 3.01 2.98 -11.50
CA ASP A 212 3.86 2.89 -12.67
C ASP A 212 5.13 3.64 -12.30
N ASN A 213 6.25 2.93 -12.21
CA ASN A 213 7.49 3.55 -11.72
C ASN A 213 8.38 4.08 -12.83
N TRP A 214 7.87 4.17 -14.05
CA TRP A 214 8.73 4.49 -15.18
C TRP A 214 8.18 5.57 -16.11
N LYS A 215 6.94 5.40 -16.56
CA LYS A 215 6.39 6.26 -17.60
C LYS A 215 5.12 7.02 -17.21
N GLY A 216 4.49 6.66 -16.10
CA GLY A 216 3.17 7.18 -15.82
C GLY A 216 3.03 7.94 -14.51
N SER A 217 2.64 9.21 -14.60
CA SER A 217 2.30 9.99 -13.41
C SER A 217 0.84 9.71 -13.00
N ASN A 218 0.09 9.12 -13.93
CA ASN A 218 -1.23 8.57 -13.63
C ASN A 218 -1.06 7.11 -13.21
N ARG A 219 -1.99 6.61 -12.40
CA ARG A 219 -1.83 5.26 -11.86
C ARG A 219 -2.49 4.16 -12.69
N PRO A 220 -1.77 3.04 -12.86
CA PRO A 220 -2.34 1.88 -13.54
C PRO A 220 -3.28 1.15 -12.61
N TRP A 221 -4.23 0.41 -13.16
CA TRP A 221 -5.15 -0.35 -12.33
C TRP A 221 -5.61 -1.63 -13.02
N MET A 222 -6.13 -2.54 -12.20
CA MET A 222 -6.78 -3.73 -12.72
C MET A 222 -7.97 -4.15 -11.88
N ARG A 223 -8.89 -4.87 -12.52
CA ARG A 223 -10.06 -5.43 -11.85
C ARG A 223 -9.97 -6.95 -12.00
N ILE A 224 -10.16 -7.68 -10.91
CA ILE A 224 -9.88 -9.11 -10.86
C ILE A 224 -11.02 -9.82 -10.12
N ASN A 225 -11.35 -11.05 -10.51
CA ASN A 225 -12.25 -11.84 -9.66
C ASN A 225 -11.57 -13.12 -9.20
N ASN A 226 -12.33 -14.07 -8.67
CA ASN A 226 -11.73 -15.30 -8.15
C ASN A 226 -11.20 -16.22 -9.25
N GLU A 227 -11.38 -15.82 -10.50
CA GLU A 227 -10.97 -16.63 -11.64
C GLU A 227 -9.90 -15.99 -12.53
N THR A 228 -10.01 -14.68 -12.75
CA THR A 228 -9.21 -14.09 -13.82
C THR A 228 -9.14 -12.58 -13.69
N ILE A 229 -8.20 -11.98 -14.42
CA ILE A 229 -8.14 -10.54 -14.58
C ILE A 229 -9.21 -10.12 -15.59
N LEU A 230 -10.06 -9.20 -15.18
CA LEU A 230 -11.25 -8.81 -15.95
C LEU A 230 -11.04 -7.59 -16.82
N GLU A 231 -10.23 -6.65 -16.33
CA GLU A 231 -10.08 -5.35 -16.95
C GLU A 231 -8.78 -4.72 -16.48
N THR A 232 -8.16 -3.92 -17.34
CA THR A 232 -7.00 -3.12 -16.96
C THR A 232 -7.11 -1.71 -17.53
N GLY A 233 -6.28 -0.80 -17.02
CA GLY A 233 -6.20 0.54 -17.57
C GLY A 233 -5.30 1.43 -16.76
N TYR A 234 -5.33 2.73 -17.07
CA TYR A 234 -4.77 3.75 -16.20
C TYR A 234 -5.93 4.62 -15.72
N VAL A 235 -5.80 5.21 -14.54
CA VAL A 235 -6.88 6.06 -14.05
C VAL A 235 -7.06 7.28 -14.96
N CYS A 236 -8.28 7.45 -15.48
CA CYS A 236 -8.56 8.50 -16.47
C CYS A 236 -8.31 9.91 -15.94
N SER A 237 -8.58 10.14 -14.66
CA SER A 237 -8.49 11.46 -14.06
C SER A 237 -7.38 12.34 -14.60
N LYS A 238 -7.73 13.52 -15.10
CA LYS A 238 -6.75 14.50 -15.56
C LYS A 238 -5.99 15.11 -14.38
N PHE A 239 -6.42 14.76 -13.16
CA PHE A 239 -5.71 15.13 -11.96
C PHE A 239 -4.95 13.89 -11.53
N HIS A 240 -3.64 13.90 -11.74
CA HIS A 240 -2.82 12.70 -11.55
C HIS A 240 -2.53 12.48 -10.09
N SER A 241 -2.14 11.27 -9.72
CA SER A 241 -1.97 11.00 -8.29
C SER A 241 -0.72 10.24 -7.86
N ASP A 242 0.21 10.01 -8.79
CA ASP A 242 1.51 9.48 -8.41
C ASP A 242 2.44 10.64 -8.01
N THR A 243 3.66 10.31 -7.61
CA THR A 243 4.67 11.31 -7.26
C THR A 243 6.01 10.86 -7.85
N PRO A 244 6.61 11.68 -8.73
CA PRO A 244 6.19 13.02 -9.15
C PRO A 244 5.04 12.98 -10.13
N ARG A 245 4.54 14.16 -10.49
CA ARG A 245 3.45 14.29 -11.44
C ARG A 245 3.38 15.74 -11.89
N PRO A 246 2.68 15.99 -13.00
CA PRO A 246 2.45 17.38 -13.41
C PRO A 246 1.48 18.09 -12.48
N ALA A 247 1.57 19.42 -12.42
CA ALA A 247 0.59 20.20 -11.70
C ALA A 247 -0.79 19.99 -12.31
N ASP A 248 -1.84 20.09 -11.48
CA ASP A 248 -3.22 20.05 -11.95
C ASP A 248 -3.45 21.30 -12.79
N PRO A 249 -4.23 21.18 -13.87
CA PRO A 249 -4.77 19.94 -14.45
C PRO A 249 -3.79 19.38 -15.46
N SER A 250 -3.80 18.06 -15.63
CA SER A 250 -2.91 17.44 -16.61
C SER A 250 -3.72 16.72 -17.70
N THR A 251 -3.13 15.68 -18.25
CA THR A 251 -3.72 14.96 -19.37
C THR A 251 -4.64 13.84 -18.90
N MET A 252 -5.63 13.53 -19.72
CA MET A 252 -6.50 12.40 -19.48
C MET A 252 -6.01 11.21 -20.30
N SER A 253 -5.56 10.16 -19.63
CA SER A 253 -5.07 8.97 -20.33
C SER A 253 -5.63 7.72 -19.66
N CYS A 254 -6.68 7.16 -20.26
CA CYS A 254 -7.37 6.00 -19.70
C CYS A 254 -6.68 4.67 -20.04
N ASP A 255 -5.83 4.69 -21.06
CA ASP A 255 -5.33 3.46 -21.67
C ASP A 255 -3.82 3.36 -21.77
N SER A 256 -3.12 4.34 -21.22
CA SER A 256 -1.67 4.39 -21.34
C SER A 256 -1.12 5.30 -20.27
N PRO A 257 0.17 5.15 -19.97
CA PRO A 257 0.84 6.08 -19.04
C PRO A 257 0.88 7.49 -19.63
N SER A 258 0.93 8.49 -18.76
CA SER A 258 0.99 9.89 -19.19
C SER A 258 2.25 10.22 -19.98
N ASN A 259 3.30 9.44 -19.79
CA ASN A 259 4.60 9.68 -20.42
C ASN A 259 5.26 10.98 -19.98
N VAL A 260 4.91 11.47 -18.80
CA VAL A 260 5.60 12.60 -18.19
C VAL A 260 5.77 12.35 -16.70
N ASN A 261 6.89 12.81 -16.13
CA ASN A 261 7.15 12.66 -14.70
C ASN A 261 6.90 11.24 -14.24
N GLY A 262 7.38 10.28 -15.02
CA GLY A 262 7.02 8.90 -14.80
C GLY A 262 7.59 8.21 -13.58
N GLY A 263 8.78 8.58 -13.16
CA GLY A 263 9.44 7.85 -12.09
C GLY A 263 9.99 8.79 -11.03
N PRO A 264 10.26 8.25 -9.84
CA PRO A 264 10.15 6.82 -9.51
C PRO A 264 8.76 6.37 -9.07
N GLY A 265 7.84 7.30 -8.84
CA GLY A 265 6.54 6.96 -8.31
C GLY A 265 6.60 6.67 -6.84
N VAL A 266 5.43 6.39 -6.27
CA VAL A 266 5.30 6.04 -4.85
C VAL A 266 4.09 5.13 -4.76
N LYS A 267 4.09 4.18 -3.83
CA LYS A 267 2.91 3.35 -3.65
C LYS A 267 1.77 4.24 -3.22
N GLY A 268 0.60 4.09 -3.85
CA GLY A 268 -0.59 4.84 -3.48
C GLY A 268 -1.85 4.05 -3.75
N PHE A 269 -3.01 4.71 -3.65
CA PHE A 269 -4.27 3.98 -3.74
C PHE A 269 -5.37 4.88 -4.29
N GLY A 270 -6.51 4.27 -4.59
CA GLY A 270 -7.70 5.05 -4.91
C GLY A 270 -8.92 4.17 -4.72
N PHE A 271 -10.10 4.78 -4.87
CA PHE A 271 -11.35 4.02 -4.85
C PHE A 271 -12.24 4.49 -5.98
N LYS A 272 -12.58 3.59 -6.89
CA LYS A 272 -13.61 3.88 -7.88
C LYS A 272 -14.96 4.05 -7.18
N ALA A 273 -15.74 5.05 -7.59
CA ALA A 273 -17.06 5.28 -7.02
C ALA A 273 -18.02 5.66 -8.14
N GLY A 274 -18.73 4.67 -8.67
CA GLY A 274 -19.53 4.88 -9.87
C GLY A 274 -18.58 5.20 -11.01
N ASP A 275 -18.81 6.35 -11.65
CA ASP A 275 -17.92 6.84 -12.68
C ASP A 275 -16.86 7.78 -12.10
N ASP A 276 -16.96 8.06 -10.80
CA ASP A 276 -16.02 8.96 -10.14
C ASP A 276 -14.84 8.18 -9.58
N VAL A 277 -13.85 8.88 -9.06
CA VAL A 277 -12.74 8.20 -8.42
C VAL A 277 -12.20 9.04 -7.29
N TRP A 278 -11.87 8.37 -6.18
CA TRP A 278 -11.11 8.99 -5.11
C TRP A 278 -9.66 8.58 -5.27
N LEU A 279 -8.76 9.57 -5.14
CA LEU A 279 -7.33 9.29 -5.27
C LEU A 279 -6.54 9.92 -4.12
N GLY A 280 -5.71 9.12 -3.48
CA GLY A 280 -4.79 9.68 -2.51
C GLY A 280 -3.56 10.19 -3.23
N ARG A 281 -2.92 11.21 -2.67
CA ARG A 281 -1.66 11.65 -3.23
C ARG A 281 -0.89 12.52 -2.25
N THR A 282 0.41 12.59 -2.45
CA THR A 282 1.22 13.55 -1.73
C THR A 282 0.71 14.96 -2.09
N VAL A 283 0.92 15.92 -1.19
CA VAL A 283 0.57 17.30 -1.54
C VAL A 283 1.56 17.83 -2.58
N SER A 284 2.85 17.60 -2.35
CA SER A 284 3.89 17.96 -3.30
C SER A 284 3.73 17.19 -4.61
N THR A 285 4.02 17.85 -5.73
CA THR A 285 4.04 17.15 -7.01
C THR A 285 5.42 16.58 -7.32
N SER A 286 6.41 16.86 -6.47
CA SER A 286 7.77 16.41 -6.72
C SER A 286 8.33 15.44 -5.69
N GLY A 287 7.91 15.59 -4.43
CA GLY A 287 8.46 14.77 -3.37
C GLY A 287 7.43 14.15 -2.45
N ARG A 288 7.94 13.36 -1.51
CA ARG A 288 7.07 12.60 -0.61
C ARG A 288 6.72 13.40 0.63
N SER A 289 6.04 14.52 0.41
CA SER A 289 5.59 15.35 1.52
C SER A 289 4.12 15.68 1.36
N GLY A 290 3.44 15.77 2.51
CA GLY A 290 2.02 16.03 2.53
C GLY A 290 1.19 14.83 2.12
N PHE A 291 -0.08 14.88 2.46
CA PHE A 291 -1.02 13.91 1.97
C PHE A 291 -2.41 14.48 1.88
N GLU A 292 -3.04 14.25 0.74
CA GLU A 292 -4.41 14.68 0.54
C GLU A 292 -5.18 13.58 -0.16
N ILE A 293 -6.50 13.62 -0.06
CA ILE A 293 -7.29 12.75 -0.89
C ILE A 293 -8.30 13.60 -1.67
N ILE A 294 -8.42 13.33 -2.96
CA ILE A 294 -9.37 14.05 -3.80
C ILE A 294 -10.45 13.13 -4.35
N LYS A 295 -11.64 13.68 -4.58
CA LYS A 295 -12.64 12.95 -5.34
C LYS A 295 -12.78 13.70 -6.65
N VAL A 296 -12.65 12.96 -7.75
CA VAL A 296 -12.73 13.53 -9.09
C VAL A 296 -14.01 13.09 -9.77
N THR A 297 -14.87 14.06 -10.06
CA THR A 297 -16.12 13.77 -10.76
C THR A 297 -15.84 13.18 -12.12
N GLU A 298 -16.48 12.02 -12.36
CA GLU A 298 -16.28 11.22 -13.58
C GLU A 298 -14.82 10.84 -13.86
N GLY A 299 -14.01 10.82 -12.81
CA GLY A 299 -12.58 10.61 -12.96
C GLY A 299 -12.18 9.20 -13.33
N TRP A 300 -13.11 8.26 -13.26
CA TRP A 300 -12.83 6.89 -13.65
C TRP A 300 -13.00 6.72 -15.16
N ILE A 301 -13.70 7.66 -15.79
CA ILE A 301 -14.06 7.50 -17.20
C ILE A 301 -13.51 8.60 -18.10
N ASN A 302 -13.51 8.32 -19.40
CA ASN A 302 -13.16 9.33 -20.38
C ASN A 302 -14.30 10.35 -20.41
N SER A 303 -14.00 11.59 -20.03
CA SER A 303 -15.04 12.59 -19.84
C SER A 303 -14.49 14.01 -19.84
N PRO A 304 -15.29 14.97 -20.31
CA PRO A 304 -14.87 16.37 -20.30
C PRO A 304 -15.13 17.01 -18.93
N ASN A 305 -15.68 16.23 -18.01
CA ASN A 305 -16.25 16.79 -16.79
C ASN A 305 -15.44 16.59 -15.52
N HIS A 306 -14.18 16.19 -15.66
CA HIS A 306 -13.33 16.01 -14.48
C HIS A 306 -13.19 17.29 -13.67
N VAL A 307 -13.59 17.21 -12.40
CA VAL A 307 -13.42 18.31 -11.48
C VAL A 307 -13.14 17.69 -10.12
N LYS A 308 -12.32 18.36 -9.30
CA LYS A 308 -12.09 17.91 -7.94
C LYS A 308 -13.22 18.41 -7.07
N SER A 309 -14.16 17.53 -6.75
CA SER A 309 -15.36 17.92 -6.01
C SER A 309 -15.07 18.03 -4.51
N ILE A 310 -14.01 17.34 -4.09
CA ILE A 310 -13.61 17.31 -2.69
C ILE A 310 -12.09 17.20 -2.64
N THR A 311 -11.47 17.98 -1.76
CA THR A 311 -10.05 17.82 -1.46
C THR A 311 -9.86 17.86 0.06
N GLN A 312 -9.47 16.72 0.65
CA GLN A 312 -9.16 16.72 2.07
C GLN A 312 -7.65 16.70 2.26
N THR A 313 -7.13 17.71 2.93
CA THR A 313 -5.70 17.77 3.20
C THR A 313 -5.46 17.19 4.59
N LEU A 314 -4.83 16.03 4.64
CA LEU A 314 -4.74 15.25 5.88
C LEU A 314 -3.37 15.36 6.54
N VAL A 315 -2.32 15.55 5.75
CA VAL A 315 -0.97 15.79 6.26
C VAL A 315 -0.44 17.00 5.49
N SER A 316 0.01 18.04 6.20
CA SER A 316 0.42 19.24 5.50
C SER A 316 1.68 19.02 4.68
N ASN A 317 1.90 19.87 3.69
CA ASN A 317 3.08 19.74 2.84
C ASN A 317 4.38 20.11 3.56
N ASN A 318 4.27 20.62 4.78
CA ASN A 318 5.43 20.86 5.61
C ASN A 318 5.85 19.62 6.39
N ASP A 319 5.16 18.51 6.14
CA ASP A 319 5.42 17.26 6.86
C ASP A 319 5.65 16.13 5.88
N TRP A 320 6.46 15.14 6.28
CA TRP A 320 6.79 14.03 5.40
C TRP A 320 5.68 12.99 5.34
N SER A 321 5.48 12.42 4.16
CA SER A 321 4.55 11.31 4.03
C SER A 321 5.29 10.07 3.53
N GLY A 322 4.78 9.40 2.51
CA GLY A 322 5.37 8.14 2.11
C GLY A 322 4.36 7.29 1.39
N TYR A 323 4.50 5.96 1.50
CA TYR A 323 3.54 5.03 0.93
C TYR A 323 2.13 5.22 1.49
N SER A 324 1.14 4.81 0.73
CA SER A 324 -0.22 4.76 1.24
C SER A 324 -0.90 3.60 0.55
N GLY A 325 -1.90 3.05 1.22
CA GLY A 325 -2.59 1.89 0.69
C GLY A 325 -3.98 1.75 1.25
N SER A 326 -4.82 1.01 0.52
CA SER A 326 -6.18 0.77 0.92
C SER A 326 -6.28 -0.45 1.82
N PHE A 327 -7.26 -0.42 2.72
CA PHE A 327 -7.73 -1.65 3.35
C PHE A 327 -9.24 -1.57 3.53
N ILE A 328 -9.89 -2.71 3.68
CA ILE A 328 -11.34 -2.73 3.90
C ILE A 328 -11.73 -3.28 5.25
N VAL A 329 -12.87 -2.84 5.74
CA VAL A 329 -13.42 -3.35 6.99
C VAL A 329 -14.86 -3.76 6.73
N LYS A 330 -15.18 -5.02 7.03
CA LYS A 330 -16.54 -5.49 6.78
C LYS A 330 -17.55 -4.79 7.67
N ALA A 331 -18.62 -4.30 7.06
CA ALA A 331 -19.69 -3.58 7.73
C ALA A 331 -20.64 -4.73 8.06
N LYS A 332 -21.78 -4.80 7.40
CA LYS A 332 -22.75 -5.87 7.66
C LYS A 332 -22.77 -6.49 6.25
N ASP A 333 -23.29 -5.73 5.29
N ASP A 333 -23.28 -5.74 5.28
CA ASP A 333 -23.47 -6.23 3.93
CA ASP A 333 -23.45 -6.25 3.92
C ASP A 333 -22.61 -5.49 2.89
C ASP A 333 -22.61 -5.50 2.89
N CYS A 334 -21.63 -4.74 3.38
CA CYS A 334 -20.73 -4.00 2.50
C CYS A 334 -19.37 -3.86 3.16
N PHE A 335 -18.38 -3.46 2.38
CA PHE A 335 -17.04 -3.18 2.89
C PHE A 335 -16.81 -1.69 3.01
N GLN A 336 -16.34 -1.26 4.18
CA GLN A 336 -16.00 0.15 4.37
C GLN A 336 -14.60 0.39 3.84
N PRO A 337 -14.42 1.42 2.99
CA PRO A 337 -13.09 1.74 2.47
C PRO A 337 -12.27 2.56 3.46
N CYS A 338 -11.05 2.09 3.71
CA CYS A 338 -10.15 2.80 4.61
C CYS A 338 -8.77 2.87 3.97
N PHE A 339 -7.88 3.66 4.55
CA PHE A 339 -6.52 3.67 4.06
C PHE A 339 -5.53 4.05 5.16
N TYR A 340 -4.26 3.72 4.93
CA TYR A 340 -3.20 4.15 5.83
C TYR A 340 -2.24 5.03 5.05
N VAL A 341 -1.51 5.85 5.78
CA VAL A 341 -0.41 6.64 5.20
C VAL A 341 0.83 6.38 6.05
N GLU A 342 1.89 5.97 5.37
CA GLU A 342 3.22 5.83 5.95
C GLU A 342 3.86 7.21 6.05
N LEU A 343 4.31 7.56 7.26
CA LEU A 343 4.96 8.85 7.49
C LEU A 343 6.44 8.59 7.72
N ILE A 344 7.23 8.70 6.66
CA ILE A 344 8.65 8.33 6.68
C ILE A 344 9.49 9.42 7.32
N ARG A 345 10.30 9.04 8.32
CA ARG A 345 11.28 9.96 8.89
C ARG A 345 12.68 9.40 8.74
N GLY A 346 13.67 10.29 8.66
CA GLY A 346 15.05 9.86 8.51
C GLY A 346 15.50 9.90 7.06
N ARG A 347 16.54 9.14 6.73
CA ARG A 347 17.12 9.22 5.39
C ARG A 347 16.14 8.74 4.31
N PRO A 348 16.09 9.43 3.15
CA PRO A 348 16.94 10.54 2.74
C PRO A 348 16.30 11.92 2.89
N ASN A 349 15.32 12.06 3.78
CA ASN A 349 14.55 13.30 3.86
C ASN A 349 15.41 14.49 4.25
N LYS A 350 15.28 15.58 3.50
CA LYS A 350 16.03 16.80 3.77
C LYS A 350 15.85 17.28 5.21
N ASN A 351 16.98 17.45 5.89
CA ASN A 351 17.00 17.96 7.27
C ASN A 351 16.55 16.98 8.35
N ASP A 352 16.24 15.74 7.97
CA ASP A 352 16.06 14.71 9.00
C ASP A 352 17.46 14.15 9.29
N ASP A 353 18.17 14.85 10.19
CA ASP A 353 19.58 14.59 10.43
C ASP A 353 19.81 13.41 11.38
N VAL A 354 19.44 12.22 10.90
CA VAL A 354 19.66 10.98 11.64
C VAL A 354 20.18 9.96 10.64
N SER A 355 20.72 8.85 11.15
CA SER A 355 21.35 7.86 10.29
C SER A 355 20.39 6.75 9.86
N TRP A 356 19.26 6.67 10.55
CA TRP A 356 18.28 5.62 10.29
C TRP A 356 17.17 6.08 9.34
N THR A 357 16.32 5.15 8.96
CA THR A 357 15.10 5.41 8.19
C THR A 357 13.99 4.60 8.81
N SER A 358 12.88 5.24 9.18
CA SER A 358 11.75 4.52 9.73
C SER A 358 10.45 5.25 9.39
N ASN A 359 9.36 4.87 10.04
CA ASN A 359 8.08 5.52 9.76
C ASN A 359 7.16 5.44 10.94
N SER A 360 6.15 6.30 10.94
CA SER A 360 4.95 6.06 11.75
C SER A 360 3.78 5.87 10.82
N ILE A 361 2.60 5.66 11.39
CA ILE A 361 1.40 5.36 10.61
C ILE A 361 0.25 6.25 11.06
N VAL A 362 -0.57 6.67 10.10
CA VAL A 362 -1.86 7.26 10.41
C VAL A 362 -2.91 6.62 9.49
N THR A 363 -4.14 6.49 9.95
CA THR A 363 -5.16 5.82 9.15
C THR A 363 -6.45 6.60 9.13
N PHE A 364 -7.24 6.39 8.06
CA PHE A 364 -8.52 7.07 7.88
C PHE A 364 -9.54 6.09 7.32
N CYS A 365 -10.82 6.29 7.66
CA CYS A 365 -11.89 5.46 7.10
C CYS A 365 -12.99 6.29 6.51
N GLY A 366 -13.66 5.73 5.51
CA GLY A 366 -14.74 6.43 4.83
C GLY A 366 -16.09 6.26 5.49
N LEU A 367 -16.81 7.37 5.60
CA LEU A 367 -18.20 7.35 6.07
C LEU A 367 -19.05 8.16 5.12
N ASP A 368 -20.36 7.90 5.14
CA ASP A 368 -21.29 8.66 4.30
C ASP A 368 -21.74 9.94 5.01
N ASN A 369 -20.77 10.61 5.63
CA ASN A 369 -20.98 11.88 6.33
C ASN A 369 -19.95 12.89 5.84
N GLU A 370 -20.22 14.17 6.04
CA GLU A 370 -19.29 15.23 5.68
C GLU A 370 -18.17 15.34 6.71
N PRO A 371 -16.91 15.40 6.24
CA PRO A 371 -15.80 15.46 7.19
C PRO A 371 -15.48 16.87 7.64
N GLY A 372 -14.71 16.97 8.71
CA GLY A 372 -14.15 18.23 9.14
C GLY A 372 -12.76 18.39 8.55
N SER A 373 -11.87 19.07 9.26
CA SER A 373 -10.53 19.25 8.74
C SER A 373 -9.53 19.25 9.88
N GLY A 374 -8.32 18.82 9.56
CA GLY A 374 -7.26 18.72 10.52
C GLY A 374 -5.96 18.37 9.85
N ASN A 375 -5.00 17.94 10.66
CA ASN A 375 -3.65 17.68 10.17
C ASN A 375 -3.05 16.66 11.11
N TRP A 376 -2.62 15.52 10.57
CA TRP A 376 -2.12 14.44 11.43
C TRP A 376 -0.78 13.89 10.91
N PRO A 377 0.27 14.71 11.01
CA PRO A 377 1.61 14.33 10.54
C PRO A 377 2.34 13.48 11.56
N ASP A 378 3.55 13.04 11.23
CA ASP A 378 4.33 12.23 12.14
C ASP A 378 4.50 12.90 13.50
N GLY A 379 4.89 14.17 13.48
CA GLY A 379 4.94 14.96 14.69
C GLY A 379 6.23 14.91 15.50
N SER A 380 7.22 14.16 15.04
CA SER A 380 8.48 14.09 15.78
C SER A 380 9.32 15.31 15.47
N ASN A 381 9.99 15.82 16.52
CA ASN A 381 11.05 16.79 16.34
C ASN A 381 12.32 15.99 16.13
N ILE A 382 12.83 15.98 14.89
CA ILE A 382 13.93 15.10 14.55
C ILE A 382 15.17 15.45 15.39
N GLY A 383 15.25 16.70 15.82
CA GLY A 383 16.38 17.11 16.64
C GLY A 383 16.39 16.52 18.04
N PHE A 384 15.25 15.98 18.46
CA PHE A 384 15.14 15.31 19.75
C PHE A 384 15.59 13.84 19.69
N MET A 385 15.74 13.30 18.48
CA MET A 385 15.91 11.86 18.32
C MET A 385 17.36 11.38 18.40
N PRO A 386 17.57 10.18 18.97
CA PRO A 386 18.89 9.54 18.86
C PRO A 386 19.17 9.32 17.38
N LYS A 387 20.40 9.62 16.96
CA LYS A 387 20.73 9.59 15.54
C LYS A 387 21.11 8.20 15.02
#